data_6SLK
#
_entry.id   6SLK
#
_cell.length_a   176.007
_cell.length_b   176.007
_cell.length_c   61.781
_cell.angle_alpha   90.000
_cell.angle_beta   90.000
_cell.angle_gamma   90.000
#
_symmetry.space_group_name_H-M   'P 41 21 2'
#
loop_
_entity.id
_entity.type
_entity.pdbx_description
1 polymer 'L-2,4-diaminobutyric acid acetyltransferase'
2 non-polymer 'SODIUM ION'
3 non-polymer 'SULFATE ION'
4 water water
#
_entity_poly.entity_id   1
_entity_poly.type   'polypeptide(L)'
_entity_poly.pdbx_seq_one_letter_code
;WSHPQFEKSGMAVDTGTEVVYRRPEARDGTRVWELIRDTGSLDLNSPYCYMLLGDYFNDTCMIAEHEGDIVGFISAFRSP
RNPETLFVWQVAVASSHRRQGIAKAMLTGLMNQKACHGVRFIETTVSPSNMASRRLFLGYAEEKSIPSTVTVGYGAEMFP
DGTTHEDEPLFVIGPFFNDIGSAWSH
;
_entity_poly.pdbx_strand_id   A,B,C
#
loop_
_chem_comp.id
_chem_comp.type
_chem_comp.name
_chem_comp.formula
NA non-polymer 'SODIUM ION' 'Na 1'
SO4 non-polymer 'SULFATE ION' 'O4 S -2'
#
# COMPACT_ATOMS: atom_id res chain seq x y z
N THR A 17 40.37 -3.26 -0.93
CA THR A 17 40.10 -3.03 -2.38
C THR A 17 38.59 -3.19 -2.73
N GLU A 18 38.18 -2.58 -3.83
CA GLU A 18 36.77 -2.40 -4.22
C GLU A 18 35.98 -3.70 -4.64
N VAL A 19 34.66 -3.62 -4.70
CA VAL A 19 33.84 -4.72 -5.17
C VAL A 19 33.51 -4.42 -6.62
N VAL A 20 33.67 -5.42 -7.50
CA VAL A 20 33.30 -5.27 -8.94
C VAL A 20 31.98 -6.00 -9.30
N TYR A 21 31.26 -5.37 -10.20
CA TYR A 21 29.94 -5.74 -10.61
C TYR A 21 29.83 -5.99 -12.11
N ARG A 22 29.35 -7.16 -12.52
CA ARG A 22 29.15 -7.47 -13.96
C ARG A 22 28.05 -8.52 -14.19
N ARG A 23 27.55 -8.58 -15.44
CA ARG A 23 26.76 -9.69 -15.92
C ARG A 23 27.54 -10.97 -15.84
N PRO A 24 26.87 -12.05 -15.45
CA PRO A 24 27.48 -13.37 -15.34
C PRO A 24 27.56 -14.00 -16.73
N GLU A 25 28.19 -15.17 -16.78
CA GLU A 25 28.36 -15.94 -18.02
C GLU A 25 28.10 -17.38 -17.67
N ALA A 26 27.84 -18.20 -18.67
CA ALA A 26 27.54 -19.60 -18.36
C ALA A 26 28.64 -20.21 -17.55
N ARG A 27 29.90 -19.82 -17.82
CA ARG A 27 31.00 -20.45 -17.05
C ARG A 27 31.05 -20.02 -15.54
N ASP A 28 30.28 -19.02 -15.13
CA ASP A 28 30.20 -18.67 -13.70
C ASP A 28 29.29 -19.59 -12.93
N GLY A 29 28.57 -20.45 -13.64
CA GLY A 29 27.48 -21.22 -13.10
C GLY A 29 27.90 -21.95 -11.85
N THR A 30 29.08 -22.57 -11.90
CA THR A 30 29.53 -23.41 -10.81
C THR A 30 29.88 -22.62 -9.51
N ARG A 31 30.50 -21.49 -9.69
CA ARG A 31 30.88 -20.62 -8.57
C ARG A 31 29.64 -19.94 -7.98
N VAL A 32 28.65 -19.62 -8.82
CA VAL A 32 27.40 -19.09 -8.34
C VAL A 32 26.74 -20.18 -7.49
N TRP A 33 26.72 -21.38 -7.96
CA TRP A 33 26.05 -22.45 -7.24
C TRP A 33 26.76 -22.66 -5.91
N GLU A 34 28.09 -22.53 -5.91
CA GLU A 34 28.86 -22.62 -4.65
C GLU A 34 28.52 -21.55 -3.61
N LEU A 35 28.46 -20.30 -4.06
CA LEU A 35 28.02 -19.21 -3.28
C LEU A 35 26.65 -19.52 -2.67
N ILE A 36 25.66 -19.88 -3.50
CA ILE A 36 24.33 -20.14 -2.99
C ILE A 36 24.38 -21.27 -1.97
N ARG A 37 25.11 -22.31 -2.26
CA ARG A 37 25.20 -23.45 -1.37
C ARG A 37 25.86 -23.03 -0.04
N ASP A 38 26.92 -22.25 -0.09
CA ASP A 38 27.66 -21.87 1.16
C ASP A 38 26.89 -20.94 2.12
N THR A 39 26.02 -20.12 1.57
CA THR A 39 24.97 -19.38 2.27
C THR A 39 24.18 -20.20 3.26
N GLY A 40 24.04 -21.50 2.99
CA GLY A 40 23.32 -22.36 3.91
C GLY A 40 21.83 -22.12 3.80
N SER A 41 21.38 -20.90 4.09
CA SER A 41 19.91 -20.63 4.15
C SER A 41 19.12 -20.78 2.81
N LEU A 42 19.72 -20.54 1.64
CA LEU A 42 18.90 -20.26 0.43
C LEU A 42 18.52 -21.61 -0.17
N ASP A 43 17.35 -21.60 -0.84
CA ASP A 43 16.84 -22.63 -1.78
C ASP A 43 17.94 -22.84 -2.86
N LEU A 44 18.49 -24.02 -2.96
CA LEU A 44 19.65 -24.25 -3.82
C LEU A 44 19.12 -24.90 -5.11
N ASN A 45 19.30 -24.28 -6.26
CA ASN A 45 19.00 -24.97 -7.52
C ASN A 45 20.23 -25.79 -8.01
N SER A 46 20.06 -26.51 -9.13
CA SER A 46 21.08 -27.37 -9.71
C SER A 46 22.14 -26.50 -10.34
N PRO A 47 23.36 -27.02 -10.38
CA PRO A 47 24.38 -26.24 -11.08
C PRO A 47 24.00 -25.82 -12.53
N TYR A 48 23.35 -26.73 -13.25
CA TYR A 48 22.86 -26.47 -14.56
C TYR A 48 21.97 -25.22 -14.62
N CYS A 49 21.10 -25.07 -13.61
CA CYS A 49 20.18 -23.91 -13.53
C CYS A 49 20.97 -22.61 -13.57
N TYR A 50 22.06 -22.61 -12.79
CA TYR A 50 22.89 -21.39 -12.69
C TYR A 50 23.63 -21.09 -14.00
N MET A 51 23.96 -22.17 -14.70
CA MET A 51 24.57 -22.03 -16.05
C MET A 51 23.60 -21.44 -17.07
N LEU A 52 22.36 -21.92 -17.05
CA LEU A 52 21.33 -21.39 -17.91
C LEU A 52 21.08 -19.95 -17.63
N LEU A 53 21.06 -19.59 -16.34
CA LEU A 53 20.87 -18.19 -16.02
C LEU A 53 22.03 -17.34 -16.57
N GLY A 54 23.25 -17.84 -16.33
CA GLY A 54 24.47 -17.22 -16.94
C GLY A 54 24.41 -17.10 -18.45
N ASP A 55 23.72 -18.01 -19.11
CA ASP A 55 23.72 -18.08 -20.53
C ASP A 55 22.52 -17.30 -21.02
N TYR A 56 21.29 -17.73 -20.71
CA TYR A 56 20.09 -17.22 -21.37
C TYR A 56 19.51 -15.97 -20.66
N PHE A 57 19.79 -15.82 -19.37
CA PHE A 57 19.17 -14.74 -18.60
C PHE A 57 20.14 -13.63 -18.14
N ASN A 58 21.36 -13.64 -18.66
CA ASN A 58 22.40 -12.85 -18.05
C ASN A 58 22.24 -11.35 -18.24
N ASP A 59 21.42 -10.94 -19.17
CA ASP A 59 21.10 -9.56 -19.31
C ASP A 59 20.36 -8.90 -18.12
N THR A 60 19.67 -9.73 -17.34
CA THR A 60 18.89 -9.31 -16.18
C THR A 60 19.38 -10.03 -14.94
N CYS A 61 20.66 -10.44 -14.90
CA CYS A 61 21.33 -10.99 -13.68
C CYS A 61 22.59 -10.17 -13.40
N MET A 62 23.14 -10.39 -12.21
CA MET A 62 24.29 -9.64 -11.74
C MET A 62 25.18 -10.46 -10.84
N ILE A 63 26.49 -10.28 -11.00
CA ILE A 63 27.54 -10.89 -10.14
C ILE A 63 28.28 -9.77 -9.41
N ALA A 64 28.66 -10.06 -8.19
CA ALA A 64 29.61 -9.19 -7.46
C ALA A 64 30.87 -9.97 -7.21
N GLU A 65 31.98 -9.30 -7.48
CA GLU A 65 33.32 -9.88 -7.32
C GLU A 65 34.28 -9.03 -6.49
N HIS A 66 35.06 -9.67 -5.65
CA HIS A 66 36.05 -8.99 -4.83
C HIS A 66 37.32 -9.84 -4.79
N GLU A 67 38.40 -9.28 -5.37
CA GLU A 67 39.71 -9.96 -5.44
C GLU A 67 39.51 -11.34 -6.08
N GLY A 68 38.91 -11.30 -7.27
CA GLY A 68 38.54 -12.49 -8.04
C GLY A 68 37.64 -13.57 -7.44
N ASP A 69 37.11 -13.41 -6.22
CA ASP A 69 36.01 -14.30 -5.74
C ASP A 69 34.61 -13.72 -5.97
N ILE A 70 33.67 -14.62 -6.29
CA ILE A 70 32.25 -14.26 -6.35
C ILE A 70 31.79 -14.03 -4.91
N VAL A 71 31.31 -12.82 -4.63
CA VAL A 71 30.77 -12.55 -3.29
C VAL A 71 29.27 -12.15 -3.28
N GLY A 72 28.67 -11.97 -4.48
CA GLY A 72 27.26 -11.67 -4.62
C GLY A 72 26.64 -12.09 -5.94
N PHE A 73 25.35 -12.42 -5.89
CA PHE A 73 24.61 -12.78 -7.07
C PHE A 73 23.16 -12.31 -6.99
N ILE A 74 22.64 -11.71 -8.05
CA ILE A 74 21.19 -11.61 -8.26
C ILE A 74 20.75 -12.24 -9.54
N SER A 75 19.69 -13.04 -9.45
CA SER A 75 19.02 -13.58 -10.63
C SER A 75 17.67 -12.90 -10.85
N ALA A 76 17.33 -12.54 -12.09
CA ALA A 76 16.04 -12.00 -12.37
C ALA A 76 15.67 -12.29 -13.78
N PHE A 77 14.39 -12.15 -14.07
CA PHE A 77 13.90 -12.22 -15.43
C PHE A 77 12.70 -11.34 -15.61
N ARG A 78 12.44 -10.95 -16.83
CA ARG A 78 11.22 -10.27 -17.13
C ARG A 78 10.11 -11.26 -17.33
N SER A 79 8.98 -11.01 -16.68
CA SER A 79 7.86 -11.90 -16.77
C SER A 79 7.35 -12.11 -18.23
N PRO A 80 7.33 -13.37 -18.70
CA PRO A 80 6.90 -13.57 -20.10
C PRO A 80 5.50 -13.06 -20.49
N ARG A 81 4.50 -13.32 -19.64
CA ARG A 81 3.16 -12.71 -19.78
C ARG A 81 3.11 -11.20 -19.62
N ASN A 82 3.99 -10.57 -18.84
CA ASN A 82 3.91 -9.13 -18.47
C ASN A 82 5.30 -8.61 -18.42
N PRO A 83 5.90 -8.42 -19.59
CA PRO A 83 7.32 -8.07 -19.69
C PRO A 83 7.69 -6.72 -19.12
N GLU A 84 6.72 -5.87 -18.80
CA GLU A 84 6.97 -4.63 -18.00
C GLU A 84 7.28 -4.89 -16.52
N THR A 85 7.14 -6.13 -16.07
CA THR A 85 7.50 -6.56 -14.71
C THR A 85 8.77 -7.38 -14.69
N LEU A 86 9.72 -6.94 -13.89
CA LEU A 86 10.89 -7.72 -13.60
C LEU A 86 10.69 -8.48 -12.30
N PHE A 87 10.84 -9.79 -12.38
CA PHE A 87 10.83 -10.62 -11.24
C PHE A 87 12.24 -10.91 -10.76
N VAL A 88 12.55 -10.63 -9.50
CA VAL A 88 13.82 -10.89 -8.89
C VAL A 88 13.67 -12.18 -8.12
N TRP A 89 14.45 -13.15 -8.57
CA TRP A 89 14.44 -14.49 -8.06
C TRP A 89 15.34 -14.65 -6.81
N GLN A 90 16.65 -14.74 -6.94
CA GLN A 90 17.57 -14.91 -5.80
C GLN A 90 18.50 -13.73 -5.60
N VAL A 91 18.73 -13.39 -4.34
CA VAL A 91 19.77 -12.43 -3.94
C VAL A 91 20.64 -13.13 -2.92
N ALA A 92 21.96 -13.16 -3.18
CA ALA A 92 22.94 -13.90 -2.31
C ALA A 92 24.15 -13.01 -2.16
N VAL A 93 24.63 -12.91 -0.94
CA VAL A 93 25.84 -12.18 -0.58
C VAL A 93 26.61 -13.08 0.36
N ALA A 94 27.90 -13.30 0.09
CA ALA A 94 28.68 -14.22 0.98
C ALA A 94 28.76 -13.66 2.41
N SER A 95 28.58 -14.51 3.42
CA SER A 95 28.87 -14.23 4.87
C SER A 95 29.94 -13.20 5.16
N SER A 96 31.12 -13.53 4.66
CA SER A 96 32.26 -12.69 4.80
C SER A 96 32.07 -11.28 4.26
N HIS A 97 31.00 -10.96 3.53
CA HIS A 97 30.84 -9.62 2.95
C HIS A 97 29.46 -8.98 3.22
N ARG A 98 28.82 -9.48 4.28
CA ARG A 98 27.59 -8.85 4.83
C ARG A 98 27.78 -7.36 5.20
N ARG A 99 26.69 -6.58 5.15
CA ARG A 99 26.69 -5.24 5.74
C ARG A 99 27.63 -4.27 5.06
N GLN A 100 28.05 -4.52 3.83
CA GLN A 100 28.87 -3.56 3.14
C GLN A 100 28.13 -3.03 1.97
N GLY A 101 26.79 -3.18 1.88
CA GLY A 101 26.02 -2.50 0.79
C GLY A 101 26.01 -3.22 -0.60
N ILE A 102 26.47 -4.47 -0.64
CA ILE A 102 26.60 -5.23 -1.90
C ILE A 102 25.23 -5.57 -2.56
N ALA A 103 24.28 -6.06 -1.77
CA ALA A 103 22.94 -6.35 -2.25
C ALA A 103 22.30 -5.12 -2.88
N LYS A 104 22.50 -4.00 -2.23
CA LYS A 104 21.94 -2.75 -2.72
C LYS A 104 22.60 -2.26 -4.01
N ALA A 105 23.91 -2.40 -4.05
CA ALA A 105 24.66 -2.08 -5.28
C ALA A 105 24.28 -3.05 -6.47
N MET A 106 24.12 -4.34 -6.19
CA MET A 106 23.66 -5.28 -7.28
C MET A 106 22.31 -4.87 -7.84
N LEU A 107 21.39 -4.53 -6.91
CA LEU A 107 20.02 -4.32 -7.30
C LEU A 107 19.98 -3.05 -8.08
N THR A 108 20.75 -2.08 -7.62
CA THR A 108 20.87 -0.80 -8.34
C THR A 108 21.59 -0.95 -9.70
N GLY A 109 22.69 -1.71 -9.72
CA GLY A 109 23.32 -2.08 -11.01
C GLY A 109 22.33 -2.73 -11.98
N LEU A 110 21.57 -3.69 -11.46
CA LEU A 110 20.65 -4.45 -12.26
C LEU A 110 19.60 -3.55 -12.90
N MET A 111 19.03 -2.65 -12.11
CA MET A 111 17.99 -1.74 -12.66
C MET A 111 18.55 -0.71 -13.62
N ASN A 112 19.87 -0.49 -13.56
CA ASN A 112 20.51 0.32 -14.56
C ASN A 112 20.81 -0.37 -15.87
N GLN A 113 20.85 -1.69 -15.91
CA GLN A 113 21.11 -2.43 -17.15
C GLN A 113 20.20 -2.09 -18.31
N LYS A 114 20.75 -2.17 -19.50
CA LYS A 114 20.00 -1.83 -20.70
C LYS A 114 18.81 -2.78 -20.92
N ALA A 115 18.89 -4.03 -20.44
CA ALA A 115 17.76 -4.95 -20.57
C ALA A 115 16.59 -4.66 -19.59
N CYS A 116 16.77 -3.71 -18.63
CA CYS A 116 15.65 -3.23 -17.77
C CYS A 116 14.88 -2.01 -18.31
N HIS A 117 15.18 -1.61 -19.53
CA HIS A 117 14.42 -0.58 -20.19
C HIS A 117 12.96 -0.94 -20.38
N GLY A 118 12.11 0.02 -20.00
CA GLY A 118 10.68 -0.16 -20.04
C GLY A 118 10.02 -0.91 -18.90
N VAL A 119 10.81 -1.33 -17.91
CA VAL A 119 10.23 -1.98 -16.72
C VAL A 119 9.52 -0.90 -15.87
N ARG A 120 8.33 -1.22 -15.43
CA ARG A 120 7.46 -0.39 -14.61
C ARG A 120 7.18 -1.03 -13.19
N PHE A 121 7.42 -2.33 -12.98
CA PHE A 121 7.31 -2.98 -11.66
C PHE A 121 8.48 -3.94 -11.40
N ILE A 122 8.89 -4.04 -10.13
CA ILE A 122 9.66 -5.17 -9.59
C ILE A 122 8.73 -6.05 -8.75
N GLU A 123 8.86 -7.35 -8.92
CA GLU A 123 8.08 -8.31 -8.18
C GLU A 123 9.10 -9.32 -7.64
N THR A 124 8.88 -9.73 -6.41
CA THR A 124 9.70 -10.70 -5.76
C THR A 124 8.95 -11.31 -4.57
N THR A 125 9.58 -12.26 -3.94
CA THR A 125 9.01 -13.02 -2.82
C THR A 125 10.14 -13.01 -1.78
N VAL A 126 9.82 -12.77 -0.51
CA VAL A 126 10.87 -12.71 0.55
C VAL A 126 10.41 -13.61 1.70
N SER A 127 11.20 -14.61 2.03
CA SER A 127 10.93 -15.45 3.20
C SER A 127 11.00 -14.62 4.50
N PRO A 128 10.12 -14.91 5.44
CA PRO A 128 10.13 -14.31 6.80
C PRO A 128 11.50 -14.16 7.41
N SER A 129 12.30 -15.22 7.38
CA SER A 129 13.60 -15.13 8.07
C SER A 129 14.71 -14.48 7.23
N ASN A 130 14.44 -14.18 5.98
CA ASN A 130 15.38 -13.37 5.22
C ASN A 130 15.22 -11.84 5.43
N MET A 131 15.88 -11.36 6.46
CA MET A 131 15.71 -9.99 6.86
C MET A 131 16.49 -9.00 6.00
N ALA A 132 17.60 -9.48 5.45
CA ALA A 132 18.36 -8.65 4.50
C ALA A 132 17.53 -8.34 3.24
N SER A 133 16.83 -9.36 2.73
CA SER A 133 16.04 -9.12 1.54
C SER A 133 14.90 -8.16 1.83
N ARG A 134 14.23 -8.40 2.97
CA ARG A 134 13.14 -7.48 3.43
C ARG A 134 13.65 -6.03 3.48
N ARG A 135 14.78 -5.84 4.12
CA ARG A 135 15.38 -4.54 4.17
C ARG A 135 15.76 -3.97 2.78
N LEU A 136 16.31 -4.81 1.93
CA LEU A 136 16.72 -4.38 0.57
C LEU A 136 15.54 -3.87 -0.23
N PHE A 137 14.48 -4.68 -0.31
CA PHE A 137 13.42 -4.30 -1.20
C PHE A 137 12.59 -3.10 -0.67
N LEU A 138 12.28 -3.11 0.62
CA LEU A 138 11.56 -1.99 1.26
C LEU A 138 12.36 -0.71 1.22
N GLY A 139 13.67 -0.85 1.50
CA GLY A 139 14.58 0.30 1.40
C GLY A 139 14.76 0.83 0.00
N TYR A 140 14.80 -0.07 -0.97
CA TYR A 140 14.96 0.42 -2.33
C TYR A 140 13.79 1.32 -2.69
N ALA A 141 12.59 0.84 -2.40
CA ALA A 141 11.42 1.61 -2.73
C ALA A 141 11.34 2.96 -2.00
N GLU A 142 11.77 2.93 -0.74
CA GLU A 142 11.67 4.09 0.13
C GLU A 142 12.69 5.11 -0.34
N GLU A 143 13.91 4.70 -0.60
CA GLU A 143 14.94 5.63 -1.14
C GLU A 143 14.59 6.24 -2.50
N LYS A 144 13.90 5.51 -3.35
CA LYS A 144 13.50 6.09 -4.63
C LYS A 144 12.12 6.72 -4.65
N SER A 145 11.39 6.76 -3.52
CA SER A 145 9.97 7.24 -3.57
C SER A 145 9.04 6.52 -4.51
N ILE A 146 9.12 5.20 -4.51
CA ILE A 146 8.29 4.34 -5.35
C ILE A 146 7.38 3.60 -4.40
N PRO A 147 6.12 3.40 -4.75
CA PRO A 147 5.25 2.56 -3.92
C PRO A 147 5.72 1.12 -3.80
N SER A 148 5.37 0.51 -2.68
CA SER A 148 5.65 -0.87 -2.39
C SER A 148 4.37 -1.43 -1.81
N THR A 149 4.04 -2.65 -2.21
CA THR A 149 2.81 -3.34 -1.81
C THR A 149 3.20 -4.75 -1.42
N VAL A 150 2.78 -5.19 -0.25
CA VAL A 150 3.08 -6.51 0.29
C VAL A 150 1.82 -7.28 0.50
N THR A 151 1.71 -8.50 -0.04
CA THR A 151 0.51 -9.34 0.09
C THR A 151 0.96 -10.79 0.24
N VAL A 152 -0.02 -11.65 0.50
CA VAL A 152 0.17 -13.09 0.60
C VAL A 152 0.73 -13.59 -0.77
N GLY A 153 1.78 -14.40 -0.76
CA GLY A 153 2.35 -14.90 -2.02
C GLY A 153 2.17 -16.42 -1.96
N TYR A 154 3.23 -17.19 -1.76
CA TYR A 154 3.08 -18.66 -1.67
C TYR A 154 3.05 -18.97 -0.17
N GLY A 155 2.21 -19.91 0.21
CA GLY A 155 2.15 -20.38 1.61
C GLY A 155 3.09 -21.55 1.85
N ALA A 156 3.59 -21.65 3.10
CA ALA A 156 4.38 -22.82 3.57
C ALA A 156 3.82 -24.21 3.19
N GLU A 157 2.50 -24.36 3.16
CA GLU A 157 1.83 -25.63 2.92
C GLU A 157 1.94 -26.09 1.45
N MET A 158 2.26 -25.19 0.55
CA MET A 158 2.49 -25.53 -0.83
C MET A 158 3.82 -26.30 -1.04
N PHE A 159 4.72 -26.27 -0.06
CA PHE A 159 6.00 -26.94 -0.10
C PHE A 159 5.88 -28.45 0.24
N PRO A 160 6.93 -29.24 -0.06
CA PRO A 160 6.81 -30.69 0.08
C PRO A 160 6.88 -31.11 1.52
N ASP A 161 6.28 -32.26 1.83
CA ASP A 161 6.15 -32.76 3.25
C ASP A 161 7.47 -32.91 4.04
N GLY A 162 8.47 -33.57 3.43
CA GLY A 162 9.80 -33.81 4.06
C GLY A 162 10.44 -32.61 4.75
N THR A 163 10.58 -31.52 4.00
CA THR A 163 11.10 -30.24 4.51
C THR A 163 10.05 -29.42 5.27
N THR A 164 10.53 -28.40 5.97
CA THR A 164 9.68 -27.34 6.49
C THR A 164 10.23 -26.01 5.94
N HIS A 165 9.49 -25.50 4.97
CA HIS A 165 9.79 -24.28 4.27
C HIS A 165 8.78 -23.22 4.81
N GLU A 166 9.23 -21.97 4.85
CA GLU A 166 8.38 -20.84 5.21
C GLU A 166 7.48 -20.33 4.07
N ASP A 167 6.53 -19.46 4.41
CA ASP A 167 5.83 -18.66 3.43
C ASP A 167 6.77 -17.82 2.52
N GLU A 168 6.23 -17.42 1.38
CA GLU A 168 6.94 -16.51 0.51
C GLU A 168 5.98 -15.39 0.16
N PRO A 169 5.86 -14.39 1.04
CA PRO A 169 5.03 -13.25 0.70
C PRO A 169 5.52 -12.46 -0.51
N LEU A 170 4.57 -11.92 -1.30
CA LEU A 170 4.86 -11.18 -2.50
C LEU A 170 5.07 -9.69 -2.28
N PHE A 171 6.15 -9.16 -2.83
CA PHE A 171 6.47 -7.77 -2.77
C PHE A 171 6.36 -7.23 -4.18
N VAL A 172 5.56 -6.17 -4.40
CA VAL A 172 5.50 -5.48 -5.66
C VAL A 172 5.92 -4.06 -5.42
N ILE A 173 6.95 -3.65 -6.15
CA ILE A 173 7.49 -2.30 -6.18
C ILE A 173 7.12 -1.59 -7.48
N GLY A 174 6.47 -0.43 -7.36
CA GLY A 174 6.01 0.34 -8.48
C GLY A 174 4.55 0.69 -8.33
N PRO A 175 3.94 1.30 -9.35
CA PRO A 175 4.55 1.61 -10.64
C PRO A 175 5.65 2.61 -10.60
N PHE A 176 6.59 2.46 -11.52
CA PHE A 176 7.61 3.47 -11.80
C PHE A 176 7.98 3.35 -13.31
N PHE A 177 8.97 4.09 -13.74
CA PHE A 177 9.47 4.03 -15.10
C PHE A 177 10.89 4.61 -15.10
N ASN A 178 12.00 3.86 -15.29
CA ASN A 178 12.21 2.57 -16.03
C ASN A 178 12.80 1.37 -15.20
N ALA B 12 -34.22 -4.35 -18.38
CA ALA B 12 -35.37 -4.96 -19.07
C ALA B 12 -36.33 -3.90 -19.62
N VAL B 13 -36.63 -2.79 -18.86
CA VAL B 13 -37.62 -1.83 -19.36
C VAL B 13 -37.15 -0.43 -19.71
N ASP B 14 -37.39 -0.04 -20.95
CA ASP B 14 -37.05 1.29 -21.43
C ASP B 14 -38.25 2.28 -21.43
N THR B 15 -38.22 3.19 -20.47
CA THR B 15 -39.29 4.09 -20.19
C THR B 15 -38.99 5.46 -20.75
N GLY B 16 -37.83 5.63 -21.37
CA GLY B 16 -37.36 6.96 -21.80
C GLY B 16 -37.03 7.93 -20.68
N THR B 17 -36.97 7.51 -19.42
CA THR B 17 -36.66 8.46 -18.31
C THR B 17 -35.30 8.13 -17.56
N GLU B 18 -34.48 7.28 -18.15
CA GLU B 18 -33.19 6.92 -17.55
C GLU B 18 -32.26 8.16 -17.43
N VAL B 19 -31.22 7.98 -16.62
CA VAL B 19 -30.22 9.00 -16.40
C VAL B 19 -29.49 9.22 -17.70
N VAL B 20 -29.16 10.47 -18.02
CA VAL B 20 -28.36 10.84 -19.21
C VAL B 20 -27.09 11.64 -18.78
N TYR B 21 -26.06 11.61 -19.63
CA TYR B 21 -24.66 11.96 -19.31
C TYR B 21 -24.15 12.93 -20.33
N ARG B 22 -23.39 13.97 -19.95
CA ARG B 22 -22.80 14.97 -20.87
C ARG B 22 -21.65 15.76 -20.14
N ARG B 23 -20.81 16.38 -20.92
CA ARG B 23 -19.84 17.35 -20.40
C ARG B 23 -20.50 18.60 -19.77
N PRO B 24 -19.94 19.07 -18.69
CA PRO B 24 -20.43 20.32 -18.11
C PRO B 24 -20.04 21.54 -19.01
N GLU B 25 -20.64 22.67 -18.72
CA GLU B 25 -20.28 23.94 -19.33
C GLU B 25 -20.18 24.91 -18.17
N ALA B 26 -19.60 26.09 -18.40
CA ALA B 26 -19.47 27.10 -17.36
C ALA B 26 -20.77 27.38 -16.65
N ARG B 27 -21.87 27.39 -17.40
CA ARG B 27 -23.17 27.82 -16.78
C ARG B 27 -23.73 26.81 -15.83
N ASP B 28 -23.17 25.61 -15.89
CA ASP B 28 -23.50 24.61 -14.86
C ASP B 28 -22.88 24.84 -13.49
N GLY B 29 -21.94 25.78 -13.39
CA GLY B 29 -21.16 25.92 -12.14
C GLY B 29 -22.01 25.97 -10.88
N THR B 30 -23.01 26.83 -10.86
CA THR B 30 -23.84 27.01 -9.62
C THR B 30 -24.58 25.71 -9.23
N ARG B 31 -25.16 25.03 -10.22
CA ARG B 31 -25.91 23.79 -9.92
C ARG B 31 -24.97 22.69 -9.48
N VAL B 32 -23.78 22.67 -10.06
CA VAL B 32 -22.78 21.70 -9.63
C VAL B 32 -22.34 22.04 -8.19
N TRP B 33 -22.06 23.32 -7.93
CA TRP B 33 -21.71 23.74 -6.54
C TRP B 33 -22.83 23.28 -5.53
N GLU B 34 -24.10 23.48 -5.91
CA GLU B 34 -25.22 23.08 -5.01
C GLU B 34 -25.27 21.59 -4.79
N LEU B 35 -25.04 20.84 -5.84
CA LEU B 35 -24.92 19.38 -5.63
C LEU B 35 -23.79 19.02 -4.63
N ILE B 36 -22.61 19.62 -4.85
CA ILE B 36 -21.46 19.26 -4.02
C ILE B 36 -21.82 19.71 -2.60
N ARG B 37 -22.37 20.91 -2.44
CA ARG B 37 -22.76 21.32 -1.11
C ARG B 37 -23.72 20.35 -0.43
N ASP B 38 -24.68 19.79 -1.19
CA ASP B 38 -25.69 18.97 -0.58
C ASP B 38 -25.21 17.56 -0.29
N THR B 39 -24.06 17.12 -0.78
CA THR B 39 -23.60 15.78 -0.45
C THR B 39 -23.14 15.66 1.01
N GLY B 40 -22.73 16.77 1.63
CA GLY B 40 -22.25 16.78 3.00
C GLY B 40 -20.82 16.31 3.15
N SER B 41 -20.50 15.14 2.61
CA SER B 41 -19.19 14.53 2.74
C SER B 41 -18.02 15.15 1.86
N LEU B 42 -18.34 15.93 0.84
CA LEU B 42 -17.32 16.47 -0.07
C LEU B 42 -16.85 17.85 0.43
N ASP B 43 -15.56 18.13 0.22
CA ASP B 43 -14.94 19.49 0.50
C ASP B 43 -15.52 20.49 -0.56
N LEU B 44 -16.19 21.50 -0.14
CA LEU B 44 -16.85 22.43 -1.04
C LEU B 44 -15.85 23.52 -1.61
N ASN B 45 -15.67 23.60 -2.90
CA ASN B 45 -14.92 24.65 -3.52
C ASN B 45 -15.83 25.81 -3.87
N SER B 46 -15.27 26.91 -4.41
CA SER B 46 -16.14 28.07 -4.70
C SER B 46 -17.02 27.81 -5.92
N PRO B 47 -18.12 28.57 -6.05
CA PRO B 47 -18.88 28.44 -7.28
C PRO B 47 -18.02 28.81 -8.52
N TYR B 48 -17.12 29.78 -8.35
CA TYR B 48 -16.24 30.17 -9.46
C TYR B 48 -15.41 28.95 -9.96
N CYS B 49 -14.91 28.17 -9.03
CA CYS B 49 -14.15 26.98 -9.39
C CYS B 49 -14.92 26.02 -10.31
N TYR B 50 -16.17 25.76 -9.95
CA TYR B 50 -17.05 24.85 -10.76
C TYR B 50 -17.36 25.47 -12.11
N MET B 51 -17.36 26.79 -12.17
CA MET B 51 -17.51 27.48 -13.46
C MET B 51 -16.30 27.23 -14.28
N LEU B 52 -15.12 27.37 -13.71
CA LEU B 52 -13.89 27.16 -14.50
C LEU B 52 -13.72 25.74 -15.00
N LEU B 53 -14.03 24.79 -14.15
CA LEU B 53 -14.03 23.40 -14.56
C LEU B 53 -14.93 23.19 -15.75
N GLY B 54 -16.17 23.67 -15.69
CA GLY B 54 -17.07 23.64 -16.84
C GLY B 54 -16.51 24.34 -18.08
N ASP B 55 -15.85 25.46 -17.87
CA ASP B 55 -15.32 26.23 -18.98
C ASP B 55 -14.00 25.68 -19.56
N TYR B 56 -13.00 25.35 -18.73
CA TYR B 56 -11.63 25.03 -19.25
C TYR B 56 -11.31 23.54 -19.19
N PHE B 57 -11.96 22.83 -18.30
CA PHE B 57 -11.63 21.43 -18.05
C PHE B 57 -12.77 20.48 -18.47
N ASN B 58 -13.69 20.93 -19.33
CA ASN B 58 -14.94 20.14 -19.53
C ASN B 58 -14.74 18.86 -20.30
N ASP B 59 -13.66 18.82 -21.07
CA ASP B 59 -13.25 17.53 -21.71
C ASP B 59 -12.98 16.35 -20.76
N THR B 60 -12.65 16.66 -19.50
CA THR B 60 -12.29 15.65 -18.52
C THR B 60 -13.15 15.67 -17.31
N CYS B 61 -14.37 16.20 -17.47
CA CYS B 61 -15.36 16.23 -16.42
C CYS B 61 -16.68 15.62 -16.98
N MET B 62 -17.63 15.33 -16.11
CA MET B 62 -18.87 14.70 -16.51
C MET B 62 -20.02 15.11 -15.63
N ILE B 63 -21.20 15.28 -16.24
CA ILE B 63 -22.46 15.47 -15.54
C ILE B 63 -23.42 14.30 -15.79
N ALA B 64 -24.20 13.98 -14.78
CA ALA B 64 -25.36 13.10 -14.96
C ALA B 64 -26.60 13.90 -14.59
N GLU B 65 -27.65 13.72 -15.41
CA GLU B 65 -28.99 14.28 -15.19
C GLU B 65 -30.12 13.26 -15.21
N HIS B 66 -31.06 13.45 -14.29
CA HIS B 66 -32.34 12.76 -14.21
C HIS B 66 -33.52 13.74 -14.02
N GLU B 67 -34.56 13.61 -14.86
CA GLU B 67 -35.77 14.49 -14.86
C GLU B 67 -35.37 15.97 -14.87
N GLY B 68 -34.38 16.32 -15.68
CA GLY B 68 -33.93 17.67 -15.74
C GLY B 68 -32.95 18.15 -14.67
N ASP B 69 -32.76 17.44 -13.56
CA ASP B 69 -31.85 17.91 -12.51
C ASP B 69 -30.52 17.21 -12.55
N ILE B 70 -29.45 17.95 -12.24
CA ILE B 70 -28.13 17.34 -12.12
C ILE B 70 -28.16 16.45 -10.94
N VAL B 71 -27.78 15.20 -11.15
CA VAL B 71 -27.75 14.22 -10.03
C VAL B 71 -26.38 13.56 -9.83
N GLY B 72 -25.45 13.85 -10.73
CA GLY B 72 -24.05 13.48 -10.51
C GLY B 72 -23.03 14.35 -11.23
N PHE B 73 -21.78 14.34 -10.72
CA PHE B 73 -20.67 15.06 -11.36
C PHE B 73 -19.36 14.45 -10.99
N ILE B 74 -18.39 14.54 -11.89
CA ILE B 74 -17.00 14.15 -11.65
C ILE B 74 -16.11 15.23 -12.27
N SER B 75 -15.15 15.71 -11.47
CA SER B 75 -14.13 16.62 -11.96
C SER B 75 -12.84 15.87 -12.08
N ALA B 76 -12.09 16.12 -13.15
CA ALA B 76 -10.83 15.48 -13.36
C ALA B 76 -10.02 16.28 -14.33
N PHE B 77 -8.69 16.11 -14.33
CA PHE B 77 -7.87 16.78 -15.26
C PHE B 77 -6.67 15.91 -15.55
N ARG B 78 -6.05 16.12 -16.71
CA ARG B 78 -4.79 15.48 -17.00
C ARG B 78 -3.69 16.28 -16.40
N SER B 79 -2.79 15.57 -15.76
CA SER B 79 -1.70 16.20 -15.06
C SER B 79 -0.83 16.95 -16.05
N PRO B 80 -0.65 18.26 -15.85
CA PRO B 80 0.24 19.01 -16.75
C PRO B 80 1.66 18.48 -16.85
N ARG B 81 2.29 18.13 -15.76
CA ARG B 81 3.63 17.49 -15.82
C ARG B 81 3.65 16.03 -16.36
N ASN B 82 2.62 15.22 -16.12
CA ASN B 82 2.59 13.77 -16.55
C ASN B 82 1.27 13.49 -17.21
N PRO B 83 1.17 13.88 -18.48
CA PRO B 83 -0.11 13.92 -19.18
C PRO B 83 -0.69 12.52 -19.41
N GLU B 84 0.09 11.46 -19.17
CA GLU B 84 -0.54 10.14 -19.14
C GLU B 84 -1.35 9.85 -17.91
N THR B 85 -1.27 10.72 -16.90
CA THR B 85 -2.07 10.55 -15.66
C THR B 85 -3.32 11.46 -15.64
N LEU B 86 -4.47 10.86 -15.43
CA LEU B 86 -5.71 11.54 -15.16
C LEU B 86 -5.96 11.61 -13.67
N PHE B 87 -6.03 12.83 -13.11
CA PHE B 87 -6.34 13.01 -11.70
C PHE B 87 -7.81 13.19 -11.53
N VAL B 88 -8.42 12.34 -10.72
CA VAL B 88 -9.84 12.44 -10.44
C VAL B 88 -10.01 13.11 -9.10
N TRP B 89 -10.67 14.26 -9.12
CA TRP B 89 -10.68 15.20 -7.99
C TRP B 89 -11.93 14.92 -7.12
N GLN B 90 -13.13 15.21 -7.65
CA GLN B 90 -14.41 15.01 -6.95
C GLN B 90 -15.41 14.14 -7.74
N VAL B 91 -16.09 13.27 -7.01
CA VAL B 91 -17.14 12.42 -7.51
C VAL B 91 -18.34 12.62 -6.59
N ALA B 92 -19.43 13.10 -7.16
CA ALA B 92 -20.60 13.39 -6.39
C ALA B 92 -21.84 12.80 -7.08
N VAL B 93 -22.62 12.07 -6.27
CA VAL B 93 -23.98 11.58 -6.65
C VAL B 93 -25.02 12.01 -5.64
N ALA B 94 -26.12 12.60 -6.06
CA ALA B 94 -27.22 12.99 -5.10
C ALA B 94 -27.73 11.78 -4.27
N SER B 95 -28.01 11.94 -2.99
CA SER B 95 -28.30 10.83 -2.07
C SER B 95 -29.63 10.19 -2.49
N SER B 96 -30.49 11.00 -3.12
CA SER B 96 -31.66 10.50 -3.80
C SER B 96 -31.41 9.47 -4.88
N HIS B 97 -30.18 9.38 -5.38
CA HIS B 97 -29.87 8.56 -6.54
C HIS B 97 -28.70 7.67 -6.31
N ARG B 98 -28.42 7.38 -5.05
CA ARG B 98 -27.34 6.46 -4.69
C ARG B 98 -27.59 5.04 -5.11
N ARG B 99 -26.49 4.33 -5.26
CA ARG B 99 -26.46 2.90 -5.52
C ARG B 99 -27.32 2.53 -6.74
N GLN B 100 -27.26 3.34 -7.79
CA GLN B 100 -27.83 3.04 -9.10
C GLN B 100 -26.82 2.96 -10.23
N GLY B 101 -25.52 2.83 -9.93
CA GLY B 101 -24.52 2.74 -11.02
C GLY B 101 -24.08 4.09 -11.63
N ILE B 102 -24.52 5.20 -11.06
CA ILE B 102 -24.31 6.51 -11.77
C ILE B 102 -22.80 6.93 -11.81
N ALA B 103 -22.14 6.73 -10.68
CA ALA B 103 -20.71 7.07 -10.58
C ALA B 103 -19.86 6.25 -11.49
N LYS B 104 -20.16 4.96 -11.49
CA LYS B 104 -19.53 4.05 -12.43
C LYS B 104 -19.77 4.44 -13.88
N ALA B 105 -21.01 4.80 -14.20
CA ALA B 105 -21.27 5.20 -15.60
C ALA B 105 -20.53 6.51 -15.93
N MET B 106 -20.53 7.44 -14.97
CA MET B 106 -19.76 8.70 -15.22
C MET B 106 -18.28 8.41 -15.50
N LEU B 107 -17.70 7.53 -14.70
CA LEU B 107 -16.26 7.28 -14.87
C LEU B 107 -15.96 6.56 -16.17
N THR B 108 -16.76 5.55 -16.47
CA THR B 108 -16.56 4.82 -17.76
C THR B 108 -16.69 5.78 -18.94
N GLY B 109 -17.75 6.59 -18.90
CA GLY B 109 -17.99 7.65 -19.93
C GLY B 109 -16.77 8.51 -20.11
N LEU B 110 -16.25 8.94 -18.94
CA LEU B 110 -15.08 9.79 -18.94
C LEU B 110 -13.88 9.11 -19.57
N MET B 111 -13.65 7.85 -19.23
CA MET B 111 -12.46 7.14 -19.78
C MET B 111 -12.60 6.82 -21.26
N ASN B 112 -13.83 6.78 -21.77
CA ASN B 112 -14.05 6.59 -23.24
C ASN B 112 -14.09 7.87 -24.05
N GLN B 113 -13.89 9.03 -23.46
CA GLN B 113 -13.74 10.27 -24.23
C GLN B 113 -12.43 10.34 -24.98
N LYS B 114 -12.48 11.07 -26.09
CA LYS B 114 -11.33 11.30 -26.96
C LYS B 114 -10.22 12.02 -26.19
N ALA B 115 -10.62 12.96 -25.33
CA ALA B 115 -9.65 13.70 -24.49
C ALA B 115 -8.87 12.81 -23.47
N CYS B 116 -9.46 11.65 -23.11
CA CYS B 116 -8.82 10.56 -22.32
C CYS B 116 -8.08 9.45 -23.11
N HIS B 117 -7.84 9.64 -24.41
CA HIS B 117 -7.00 8.69 -25.17
C HIS B 117 -5.52 8.82 -24.71
N GLY B 118 -4.85 7.68 -24.52
CA GLY B 118 -3.51 7.65 -23.97
C GLY B 118 -3.44 7.78 -22.46
N VAL B 119 -4.57 7.78 -21.72
CA VAL B 119 -4.46 7.81 -20.25
C VAL B 119 -3.92 6.46 -19.77
N ARG B 120 -2.75 6.45 -19.13
CA ARG B 120 -2.19 5.23 -18.58
C ARG B 120 -2.54 5.00 -17.10
N PHE B 121 -2.68 6.08 -16.33
CA PHE B 121 -3.05 5.98 -14.94
C PHE B 121 -4.18 6.94 -14.49
N ILE B 122 -5.00 6.48 -13.55
CA ILE B 122 -5.78 7.38 -12.71
C ILE B 122 -5.10 7.56 -11.34
N GLU B 123 -4.95 8.80 -10.90
CA GLU B 123 -4.61 9.13 -9.53
C GLU B 123 -5.82 9.78 -8.87
N THR B 124 -6.03 9.48 -7.59
CA THR B 124 -7.17 9.99 -6.84
C THR B 124 -6.96 9.73 -5.39
N THR B 125 -7.47 10.60 -4.52
CA THR B 125 -7.19 10.35 -3.10
C THR B 125 -8.42 9.73 -2.48
N VAL B 126 -8.23 8.83 -1.50
CA VAL B 126 -9.36 8.11 -0.88
C VAL B 126 -9.24 8.04 0.63
N SER B 127 -9.94 8.89 1.34
CA SER B 127 -9.87 8.91 2.80
C SER B 127 -10.58 7.67 3.44
N PRO B 128 -10.31 7.41 4.72
CA PRO B 128 -10.97 6.23 5.35
C PRO B 128 -12.50 6.20 5.26
N SER B 129 -13.17 7.35 5.40
CA SER B 129 -14.62 7.33 5.29
C SER B 129 -15.11 7.44 3.85
N ASN B 130 -14.23 7.54 2.85
CA ASN B 130 -14.69 7.68 1.47
C ASN B 130 -14.99 6.33 0.81
N MET B 131 -16.12 5.78 1.19
CA MET B 131 -16.51 4.45 0.67
C MET B 131 -16.95 4.49 -0.77
N ALA B 132 -17.61 5.60 -1.15
CA ALA B 132 -17.98 5.81 -2.57
C ALA B 132 -16.81 5.67 -3.49
N SER B 133 -15.68 6.34 -3.21
CA SER B 133 -14.52 6.20 -4.13
C SER B 133 -13.88 4.83 -4.05
N ARG B 134 -13.86 4.26 -2.86
CA ARG B 134 -13.29 2.91 -2.69
C ARG B 134 -14.09 1.93 -3.59
N ARG B 135 -15.43 1.96 -3.52
CA ARG B 135 -16.33 1.14 -4.36
C ARG B 135 -16.08 1.41 -5.84
N LEU B 136 -16.04 2.68 -6.21
CA LEU B 136 -15.91 3.00 -7.61
C LEU B 136 -14.56 2.57 -8.14
N PHE B 137 -13.46 2.99 -7.50
CA PHE B 137 -12.16 2.76 -8.15
C PHE B 137 -11.62 1.33 -7.98
N LEU B 138 -11.94 0.66 -6.87
CA LEU B 138 -11.54 -0.77 -6.73
C LEU B 138 -12.41 -1.61 -7.63
N GLY B 139 -13.69 -1.25 -7.75
CA GLY B 139 -14.57 -1.89 -8.75
C GLY B 139 -14.02 -1.80 -10.16
N TYR B 140 -13.59 -0.61 -10.54
CA TYR B 140 -13.09 -0.42 -11.87
C TYR B 140 -11.76 -1.11 -12.13
N ALA B 141 -10.87 -1.14 -11.15
CA ALA B 141 -9.62 -1.87 -11.29
C ALA B 141 -9.90 -3.40 -11.44
N GLU B 142 -10.77 -3.95 -10.62
CA GLU B 142 -11.17 -5.36 -10.71
C GLU B 142 -11.79 -5.68 -12.09
N GLU B 143 -12.76 -4.91 -12.57
CA GLU B 143 -13.23 -5.07 -13.97
C GLU B 143 -12.17 -5.17 -15.01
N LYS B 144 -11.28 -4.20 -15.05
CA LYS B 144 -10.25 -4.19 -16.07
C LYS B 144 -9.10 -5.12 -15.76
N SER B 145 -9.04 -5.76 -14.58
CA SER B 145 -7.83 -6.51 -14.15
C SER B 145 -6.55 -5.75 -14.21
N ILE B 146 -6.49 -4.60 -13.54
CA ILE B 146 -5.25 -3.81 -13.56
C ILE B 146 -4.89 -3.47 -12.13
N PRO B 147 -3.63 -3.16 -11.89
CA PRO B 147 -3.30 -2.92 -10.47
C PRO B 147 -3.92 -1.63 -9.86
N SER B 148 -4.05 -1.69 -8.56
CA SER B 148 -4.47 -0.60 -7.73
C SER B 148 -3.44 -0.54 -6.60
N THR B 149 -2.72 0.58 -6.49
CA THR B 149 -1.56 0.77 -5.62
C THR B 149 -1.79 2.02 -4.76
N VAL B 150 -1.37 2.00 -3.51
CA VAL B 150 -1.53 3.11 -2.62
C VAL B 150 -0.19 3.72 -2.30
N THR B 151 -0.16 5.05 -2.23
CA THR B 151 1.06 5.75 -1.86
C THR B 151 0.69 7.09 -1.17
N VAL B 152 1.72 7.91 -0.91
CA VAL B 152 1.60 9.15 -0.13
C VAL B 152 0.73 10.15 -0.88
N GLY B 153 -0.31 10.64 -0.21
CA GLY B 153 -1.23 11.64 -0.69
C GLY B 153 -1.04 12.87 0.22
N TYR B 154 -2.12 13.40 0.83
CA TYR B 154 -2.04 14.57 1.70
C TYR B 154 -2.50 14.11 3.06
N GLY B 155 -1.58 14.01 4.02
CA GLY B 155 -1.92 13.63 5.41
C GLY B 155 -2.78 14.67 6.08
N ALA B 156 -3.51 14.23 7.09
CA ALA B 156 -4.34 15.08 7.88
C ALA B 156 -3.61 16.32 8.40
N GLU B 157 -2.36 16.15 8.78
CA GLU B 157 -1.57 17.25 9.36
C GLU B 157 -1.36 18.39 8.36
N MET B 158 -1.57 18.16 7.06
CA MET B 158 -1.37 19.26 6.10
C MET B 158 -2.52 20.25 6.14
N PHE B 159 -3.68 19.91 6.72
CA PHE B 159 -4.89 20.70 6.60
C PHE B 159 -4.90 21.78 7.75
N PRO B 160 -5.76 22.80 7.66
CA PRO B 160 -5.65 23.94 8.58
C PRO B 160 -5.99 23.54 10.03
N ASP B 161 -5.34 24.22 11.00
CA ASP B 161 -5.54 23.94 12.46
C ASP B 161 -6.96 23.92 13.04
N GLY B 162 -7.80 24.88 12.66
CA GLY B 162 -9.23 24.85 13.13
C GLY B 162 -9.87 23.46 12.89
N THR B 163 -9.79 23.02 11.65
CA THR B 163 -10.48 21.85 11.11
C THR B 163 -9.84 20.53 11.54
N THR B 164 -10.63 19.48 11.38
CA THR B 164 -10.24 18.09 11.44
C THR B 164 -10.52 17.64 9.99
N HIS B 165 -9.51 17.24 9.26
CA HIS B 165 -9.70 16.65 7.97
C HIS B 165 -9.02 15.26 8.07
N GLU B 166 -9.60 14.30 7.36
CA GLU B 166 -9.05 12.97 7.25
C GLU B 166 -7.78 12.93 6.39
N ASP B 167 -6.99 11.88 6.56
CA ASP B 167 -5.95 11.62 5.60
C ASP B 167 -6.52 11.36 4.23
N GLU B 168 -5.73 11.72 3.25
CA GLU B 168 -6.05 11.56 1.86
C GLU B 168 -4.90 10.79 1.18
N PRO B 169 -4.80 9.47 1.41
CA PRO B 169 -3.76 8.72 0.74
C PRO B 169 -4.08 8.62 -0.79
N LEU B 170 -3.02 8.55 -1.60
CA LEU B 170 -3.14 8.55 -3.05
C LEU B 170 -3.25 7.13 -3.61
N PHE B 171 -4.29 6.86 -4.37
CA PHE B 171 -4.44 5.66 -5.19
C PHE B 171 -4.02 5.91 -6.60
N VAL B 172 -3.13 5.05 -7.11
CA VAL B 172 -2.70 5.01 -8.48
C VAL B 172 -3.29 3.74 -9.08
N ILE B 173 -4.16 3.91 -10.05
CA ILE B 173 -4.83 2.79 -10.71
C ILE B 173 -4.24 2.64 -12.10
N GLY B 174 -3.75 1.45 -12.40
CA GLY B 174 -3.03 1.22 -13.63
C GLY B 174 -1.72 0.46 -13.54
N PRO B 175 -1.06 0.21 -14.69
CA PRO B 175 -1.37 0.84 -16.01
C PRO B 175 -2.61 0.31 -16.76
N PHE B 176 -3.26 1.17 -17.54
CA PHE B 176 -4.45 0.81 -18.24
C PHE B 176 -4.08 0.06 -19.53
N PHE B 177 -2.87 0.24 -20.04
CA PHE B 177 -2.37 -0.43 -21.26
C PHE B 177 -0.89 -0.54 -21.07
N ASN B 178 -0.23 -1.36 -21.89
CA ASN B 178 1.26 -1.58 -21.83
C ASN B 178 1.93 -1.17 -23.14
N ASP B 179 3.15 -0.69 -23.09
CA ASP B 179 3.88 -0.39 -24.31
C ASP B 179 4.45 -1.71 -24.94
N ILE B 180 4.72 -2.73 -24.13
CA ILE B 180 5.46 -3.92 -24.50
C ILE B 180 4.57 -5.15 -24.22
N GLY B 181 4.14 -5.86 -25.26
CA GLY B 181 3.35 -7.12 -25.10
C GLY B 181 4.25 -8.36 -25.00
N SER B 182 3.66 -9.51 -24.73
CA SER B 182 4.41 -10.77 -24.69
C SER B 182 5.03 -11.13 -26.05
N ALA B 183 5.94 -12.10 -26.08
CA ALA B 183 6.59 -12.57 -27.36
C ALA B 183 5.58 -13.14 -28.37
N TRP B 184 4.46 -13.60 -27.88
CA TRP B 184 3.49 -14.19 -28.71
C TRP B 184 2.30 -13.27 -28.99
N SER B 185 2.34 -11.98 -28.64
CA SER B 185 1.20 -11.05 -28.93
C SER B 185 0.97 -10.67 -30.39
N HIS B 186 -0.30 -10.32 -30.72
CA HIS B 186 -0.70 -9.54 -31.95
C HIS B 186 -1.44 -8.26 -31.57
N THR C 17 7.19 21.47 26.68
CA THR C 17 6.57 20.44 27.59
C THR C 17 6.37 18.98 26.99
N GLU C 18 6.56 17.94 27.79
CA GLU C 18 6.82 16.63 27.19
C GLU C 18 5.55 15.86 26.77
N VAL C 19 5.73 14.98 25.79
CA VAL C 19 4.72 13.97 25.48
C VAL C 19 4.94 12.88 26.51
N VAL C 20 3.90 12.54 27.29
CA VAL C 20 3.96 11.54 28.36
C VAL C 20 3.28 10.25 27.88
N TYR C 21 3.87 9.11 28.20
CA TYR C 21 3.37 7.81 27.80
C TYR C 21 2.90 7.09 29.05
N ARG C 22 1.69 6.52 29.05
CA ARG C 22 1.12 5.79 30.20
C ARG C 22 0.01 4.82 29.77
N ARG C 23 -0.43 3.96 30.65
CA ARG C 23 -1.56 3.08 30.38
C ARG C 23 -2.83 3.93 30.42
N PRO C 24 -3.81 3.57 29.59
CA PRO C 24 -5.10 4.31 29.69
C PRO C 24 -5.83 3.91 30.95
N GLU C 25 -6.83 4.69 31.32
CA GLU C 25 -7.79 4.32 32.36
C GLU C 25 -9.17 4.42 31.75
N ALA C 26 -10.16 3.88 32.43
CA ALA C 26 -11.54 3.95 31.92
C ALA C 26 -12.00 5.34 31.60
N ARG C 27 -11.62 6.27 32.44
CA ARG C 27 -11.97 7.69 32.19
C ARG C 27 -11.34 8.29 30.98
N ASP C 28 -10.30 7.71 30.38
CA ASP C 28 -9.87 8.14 29.04
C ASP C 28 -10.76 7.76 27.89
N GLY C 29 -11.75 6.90 28.13
CA GLY C 29 -12.53 6.30 27.01
C GLY C 29 -13.13 7.29 26.03
N THR C 30 -13.73 8.37 26.51
CA THR C 30 -14.30 9.36 25.60
C THR C 30 -13.26 10.05 24.71
N ARG C 31 -12.13 10.43 25.32
CA ARG C 31 -11.07 11.12 24.54
C ARG C 31 -10.43 10.21 23.52
N VAL C 32 -10.27 8.94 23.85
CA VAL C 32 -9.78 7.95 22.88
C VAL C 32 -10.78 7.81 21.78
N TRP C 33 -12.07 7.73 22.13
CA TRP C 33 -13.09 7.58 21.13
C TRP C 33 -13.08 8.75 20.17
N GLU C 34 -12.91 9.95 20.71
CA GLU C 34 -12.88 11.14 19.86
C GLU C 34 -11.69 11.17 18.93
N LEU C 35 -10.53 10.75 19.43
CA LEU C 35 -9.33 10.65 18.59
C LEU C 35 -9.58 9.69 17.42
N ILE C 36 -10.11 8.51 17.68
CA ILE C 36 -10.38 7.59 16.61
C ILE C 36 -11.43 8.17 15.69
N ARG C 37 -12.49 8.73 16.28
CA ARG C 37 -13.51 9.33 15.49
C ARG C 37 -12.96 10.39 14.51
N ASP C 38 -12.05 11.21 14.96
CA ASP C 38 -11.52 12.28 14.11
C ASP C 38 -10.72 11.72 12.93
N THR C 39 -10.26 10.48 12.97
CA THR C 39 -9.61 9.90 11.82
C THR C 39 -10.57 9.54 10.71
N GLY C 40 -11.86 9.47 11.02
CA GLY C 40 -12.88 8.99 10.05
C GLY C 40 -12.90 7.47 9.86
N SER C 41 -12.16 6.71 10.66
CA SER C 41 -12.10 5.24 10.52
C SER C 41 -13.48 4.61 10.53
N LEU C 42 -13.71 3.64 9.65
CA LEU C 42 -14.93 2.85 9.66
C LEU C 42 -14.98 1.81 10.82
N ASP C 43 -13.88 1.64 11.53
CA ASP C 43 -13.76 0.69 12.59
C ASP C 43 -13.91 1.33 14.00
N LEU C 44 -14.55 2.49 14.07
CA LEU C 44 -14.76 3.21 15.31
C LEU C 44 -15.75 2.36 16.15
N ASN C 45 -15.37 2.04 17.39
CA ASN C 45 -16.23 1.34 18.32
C ASN C 45 -17.00 2.35 19.18
N SER C 46 -17.92 1.83 20.00
CA SER C 46 -18.66 2.62 20.96
C SER C 46 -17.75 3.23 22.01
N PRO C 47 -18.15 4.40 22.58
CA PRO C 47 -17.33 4.89 23.67
C PRO C 47 -17.12 3.89 24.80
N TYR C 48 -18.16 3.11 25.08
CA TYR C 48 -18.10 2.06 26.11
C TYR C 48 -16.97 1.07 25.84
N CYS C 49 -16.81 0.66 24.59
CA CYS C 49 -15.67 -0.18 24.25
C CYS C 49 -14.32 0.43 24.71
N TYR C 50 -14.12 1.72 24.50
CA TYR C 50 -12.78 2.31 24.88
C TYR C 50 -12.64 2.41 26.44
N MET C 51 -13.78 2.56 27.11
CA MET C 51 -13.82 2.45 28.59
C MET C 51 -13.39 1.09 29.07
N LEU C 52 -13.85 0.04 28.41
CA LEU C 52 -13.50 -1.30 28.85
C LEU C 52 -12.05 -1.54 28.56
N LEU C 53 -11.52 -1.09 27.43
CA LEU C 53 -10.08 -1.24 27.17
C LEU C 53 -9.27 -0.54 28.26
N GLY C 54 -9.64 0.68 28.62
CA GLY C 54 -8.95 1.40 29.71
C GLY C 54 -9.11 0.76 31.06
N ASP C 55 -10.12 -0.08 31.23
CA ASP C 55 -10.46 -0.65 32.55
C ASP C 55 -9.89 -2.06 32.63
N TYR C 56 -10.29 -2.98 31.75
CA TYR C 56 -9.89 -4.41 31.89
C TYR C 56 -8.65 -4.76 31.06
N PHE C 57 -8.35 -4.04 29.97
CA PHE C 57 -7.18 -4.37 29.16
C PHE C 57 -6.06 -3.38 29.27
N ASN C 58 -6.10 -2.51 30.30
CA ASN C 58 -5.18 -1.37 30.33
C ASN C 58 -3.69 -1.78 30.41
N ASP C 59 -3.39 -2.98 30.90
CA ASP C 59 -1.98 -3.42 30.94
C ASP C 59 -1.37 -3.67 29.58
N THR C 60 -2.17 -3.88 28.54
CA THR C 60 -1.65 -4.13 27.20
C THR C 60 -2.13 -3.03 26.22
N CYS C 61 -2.40 -1.85 26.78
CA CYS C 61 -2.77 -0.69 26.00
C CYS C 61 -1.78 0.49 26.32
N MET C 62 -1.79 1.51 25.48
CA MET C 62 -0.90 2.65 25.68
C MET C 62 -1.58 3.89 25.26
N ILE C 63 -1.21 4.99 25.93
CA ILE C 63 -1.65 6.36 25.62
C ILE C 63 -0.45 7.29 25.55
N ALA C 64 -0.50 8.24 24.62
CA ALA C 64 0.39 9.38 24.61
C ALA C 64 -0.46 10.61 24.92
N GLU C 65 0.04 11.41 25.85
CA GLU C 65 -0.66 12.60 26.32
C GLU C 65 0.24 13.86 26.25
N HIS C 66 -0.32 14.99 25.83
CA HIS C 66 0.40 16.23 25.73
C HIS C 66 -0.52 17.40 25.99
N GLU C 67 -0.18 18.24 26.97
CA GLU C 67 -0.96 19.43 27.29
C GLU C 67 -2.42 19.09 27.57
N GLY C 68 -2.65 18.06 28.39
CA GLY C 68 -4.01 17.62 28.65
C GLY C 68 -4.72 16.86 27.51
N ASP C 69 -4.19 16.80 26.27
CA ASP C 69 -4.88 16.03 25.22
C ASP C 69 -4.30 14.64 25.03
N ILE C 70 -5.15 13.73 24.61
CA ILE C 70 -4.70 12.40 24.24
C ILE C 70 -4.21 12.55 22.83
N VAL C 71 -2.94 12.29 22.58
CA VAL C 71 -2.49 12.47 21.20
C VAL C 71 -2.06 11.16 20.48
N GLY C 72 -2.01 10.07 21.21
CA GLY C 72 -1.86 8.72 20.63
C GLY C 72 -2.48 7.64 21.51
N PHE C 73 -2.85 6.53 20.87
CA PHE C 73 -3.42 5.38 21.54
C PHE C 73 -3.07 4.13 20.80
N ILE C 74 -2.78 3.09 21.55
CA ILE C 74 -2.76 1.74 21.01
C ILE C 74 -3.62 0.83 21.92
N SER C 75 -4.51 0.09 21.31
CA SER C 75 -5.21 -1.06 21.98
C SER C 75 -4.64 -2.36 21.57
N ALA C 76 -4.45 -3.22 22.56
CA ALA C 76 -3.94 -4.55 22.31
C ALA C 76 -4.40 -5.48 23.39
N PHE C 77 -4.33 -6.77 23.11
CA PHE C 77 -4.66 -7.78 24.14
C PHE C 77 -3.89 -9.07 23.86
N ARG C 78 -3.55 -9.84 24.89
CA ARG C 78 -3.04 -11.19 24.71
C ARG C 78 -4.15 -12.16 24.35
N SER C 79 -3.88 -12.95 23.32
CA SER C 79 -4.92 -13.83 22.77
C SER C 79 -5.30 -14.86 23.86
N PRO C 80 -6.58 -14.92 24.28
CA PRO C 80 -6.97 -15.91 25.35
C PRO C 80 -6.52 -17.38 25.02
N ARG C 81 -6.74 -17.93 23.81
CA ARG C 81 -6.19 -19.28 23.44
C ARG C 81 -4.67 -19.37 23.28
N ASN C 82 -4.00 -18.32 22.82
CA ASN C 82 -2.58 -18.36 22.46
C ASN C 82 -1.89 -17.19 23.13
N PRO C 83 -1.69 -17.26 24.44
CA PRO C 83 -1.26 -16.10 25.24
C PRO C 83 0.11 -15.54 24.91
N GLU C 84 0.88 -16.28 24.17
CA GLU C 84 2.15 -15.78 23.64
C GLU C 84 1.95 -14.83 22.45
N THR C 85 0.74 -14.75 21.90
CA THR C 85 0.45 -13.80 20.82
C THR C 85 -0.22 -12.52 21.38
N LEU C 86 0.34 -11.37 21.06
CA LEU C 86 -0.27 -10.08 21.35
C LEU C 86 -0.98 -9.58 20.10
N PHE C 87 -2.27 -9.31 20.20
CA PHE C 87 -3.02 -8.77 19.04
C PHE C 87 -3.07 -7.29 19.21
N VAL C 88 -2.49 -6.53 18.27
CA VAL C 88 -2.63 -5.13 18.26
C VAL C 88 -3.78 -4.71 17.38
N TRP C 89 -4.74 -4.08 18.05
CA TRP C 89 -6.05 -3.78 17.44
C TRP C 89 -6.09 -2.39 16.73
N GLN C 90 -6.05 -1.27 17.44
CA GLN C 90 -6.16 0.07 16.81
C GLN C 90 -4.93 0.86 17.22
N VAL C 91 -4.42 1.64 16.29
CA VAL C 91 -3.34 2.58 16.54
C VAL C 91 -3.79 3.91 15.97
N ALA C 92 -3.66 4.96 16.74
CA ALA C 92 -3.97 6.26 16.24
C ALA C 92 -3.05 7.34 16.86
N VAL C 93 -2.75 8.35 16.01
CA VAL C 93 -1.99 9.51 16.36
C VAL C 93 -2.73 10.75 15.88
N ALA C 94 -2.97 11.71 16.78
CA ALA C 94 -3.63 12.95 16.41
C ALA C 94 -2.96 13.70 15.26
N SER C 95 -3.77 14.22 14.35
CA SER C 95 -3.25 14.98 13.24
C SER C 95 -2.28 16.16 13.59
N SER C 96 -2.44 16.73 14.78
CA SER C 96 -1.63 17.82 15.27
C SER C 96 -0.26 17.33 15.75
N HIS C 97 -0.07 16.02 15.89
CA HIS C 97 1.19 15.47 16.41
C HIS C 97 1.81 14.36 15.51
N ARG C 98 1.60 14.45 14.23
CA ARG C 98 2.22 13.50 13.27
C ARG C 98 3.71 13.83 13.09
N ARG C 99 4.43 12.87 12.56
CA ARG C 99 5.89 13.00 12.27
C ARG C 99 6.76 13.38 13.47
N GLN C 100 6.39 12.96 14.68
CA GLN C 100 7.25 13.16 15.84
C GLN C 100 7.63 11.87 16.46
N GLY C 101 7.46 10.73 15.82
CA GLY C 101 7.85 9.45 16.43
C GLY C 101 6.89 8.84 17.47
N ILE C 102 5.68 9.35 17.60
CA ILE C 102 4.79 8.90 18.75
C ILE C 102 4.36 7.44 18.61
N ALA C 103 4.05 7.03 17.39
CA ALA C 103 3.60 5.66 17.15
C ALA C 103 4.67 4.67 17.55
N LYS C 104 5.87 4.97 17.12
CA LYS C 104 6.99 4.10 17.41
C LYS C 104 7.30 4.09 18.89
N ALA C 105 7.25 5.26 19.51
CA ALA C 105 7.44 5.32 20.98
C ALA C 105 6.35 4.49 21.71
N MET C 106 5.10 4.64 21.30
CA MET C 106 3.99 3.85 21.96
C MET C 106 4.21 2.37 21.85
N LEU C 107 4.63 1.90 20.65
CA LEU C 107 4.73 0.46 20.43
C LEU C 107 5.91 -0.10 21.22
N THR C 108 6.99 0.67 21.18
CA THR C 108 8.20 0.23 21.91
C THR C 108 7.88 0.19 23.41
N GLY C 109 7.20 1.23 23.89
CA GLY C 109 6.80 1.27 25.28
C GLY C 109 5.95 0.08 25.63
N LEU C 110 4.99 -0.25 24.78
CA LEU C 110 4.05 -1.33 25.07
C LEU C 110 4.74 -2.64 25.16
N MET C 111 5.66 -2.90 24.26
CA MET C 111 6.41 -4.15 24.26
C MET C 111 7.42 -4.27 25.43
N ASN C 112 7.85 -3.16 26.05
CA ASN C 112 8.68 -3.17 27.29
C ASN C 112 7.85 -3.23 28.55
N GLN C 113 6.53 -3.25 28.48
CA GLN C 113 5.75 -3.42 29.70
C GLN C 113 5.80 -4.83 30.27
N LYS C 114 5.66 -4.84 31.59
CA LYS C 114 5.41 -6.06 32.35
C LYS C 114 4.47 -7.08 31.73
N ALA C 115 3.25 -6.68 31.39
CA ALA C 115 2.24 -7.61 30.87
C ALA C 115 2.64 -8.21 29.53
N CYS C 116 3.60 -7.62 28.84
CA CYS C 116 4.11 -8.19 27.58
C CYS C 116 5.36 -9.08 27.67
N HIS C 117 5.85 -9.31 28.89
CA HIS C 117 6.86 -10.31 29.12
C HIS C 117 6.38 -11.71 28.65
N GLY C 118 7.21 -12.36 27.86
CA GLY C 118 6.83 -13.64 27.27
C GLY C 118 5.95 -13.56 26.01
N VAL C 119 5.67 -12.37 25.50
CA VAL C 119 5.04 -12.30 24.18
C VAL C 119 6.09 -12.79 23.14
N ARG C 120 5.70 -13.75 22.30
CA ARG C 120 6.55 -14.24 21.20
C ARG C 120 6.14 -13.72 19.79
N PHE C 121 4.88 -13.33 19.62
CA PHE C 121 4.35 -12.91 18.32
C PHE C 121 3.46 -11.68 18.53
N ILE C 122 3.57 -10.72 17.61
CA ILE C 122 2.55 -9.75 17.41
C ILE C 122 1.72 -10.08 16.19
N GLU C 123 0.40 -10.04 16.32
CA GLU C 123 -0.49 -10.11 15.17
C GLU C 123 -1.23 -8.81 15.04
N THR C 124 -1.49 -8.36 13.83
CA THR C 124 -2.22 -7.13 13.57
C THR C 124 -2.67 -7.06 12.12
N THR C 125 -3.79 -6.42 11.80
CA THR C 125 -4.22 -6.36 10.41
C THR C 125 -3.83 -5.01 9.88
N VAL C 126 -3.36 -4.97 8.65
CA VAL C 126 -2.95 -3.69 8.02
C VAL C 126 -3.50 -3.60 6.61
N SER C 127 -4.45 -2.69 6.39
CA SER C 127 -5.02 -2.55 5.12
C SER C 127 -4.02 -1.84 4.15
N PRO C 128 -4.23 -2.00 2.84
CA PRO C 128 -3.26 -1.42 1.93
C PRO C 128 -3.09 0.07 2.09
N SER C 129 -4.16 0.82 2.38
CA SER C 129 -4.00 2.24 2.55
C SER C 129 -3.35 2.63 3.87
N ASN C 130 -3.15 1.72 4.78
CA ASN C 130 -2.59 2.10 6.07
C ASN C 130 -1.08 1.98 6.06
N MET C 131 -0.43 2.93 5.38
CA MET C 131 1.00 2.90 5.20
C MET C 131 1.69 3.16 6.52
N ALA C 132 1.09 4.00 7.40
CA ALA C 132 1.71 4.33 8.69
C ALA C 132 1.80 3.10 9.54
N SER C 133 0.72 2.35 9.64
CA SER C 133 0.83 1.14 10.43
C SER C 133 1.79 0.13 9.79
N ARG C 134 1.86 0.04 8.48
CA ARG C 134 2.79 -0.92 7.90
C ARG C 134 4.23 -0.56 8.30
N ARG C 135 4.54 0.73 8.19
CA ARG C 135 5.87 1.23 8.49
C ARG C 135 6.14 1.05 9.97
N LEU C 136 5.13 1.24 10.80
CA LEU C 136 5.36 1.04 12.26
C LEU C 136 5.77 -0.42 12.55
N PHE C 137 4.99 -1.38 12.05
CA PHE C 137 5.27 -2.77 12.45
C PHE C 137 6.48 -3.43 11.72
N LEU C 138 6.61 -3.14 10.42
CA LEU C 138 7.79 -3.61 9.67
C LEU C 138 9.03 -2.87 10.15
N GLY C 139 8.93 -1.59 10.53
CA GLY C 139 10.07 -0.86 11.09
C GLY C 139 10.50 -1.47 12.40
N TYR C 140 9.56 -1.79 13.26
CA TYR C 140 9.89 -2.51 14.47
C TYR C 140 10.55 -3.90 14.24
N ALA C 141 9.96 -4.71 13.35
CA ALA C 141 10.60 -5.99 12.98
C ALA C 141 12.06 -5.82 12.48
N GLU C 142 12.32 -4.81 11.65
CA GLU C 142 13.64 -4.50 11.15
C GLU C 142 14.57 -4.10 12.26
N GLU C 143 14.13 -3.17 13.08
CA GLU C 143 14.87 -2.69 14.23
C GLU C 143 15.28 -3.82 15.09
N LYS C 144 14.41 -4.74 15.39
CA LYS C 144 14.80 -5.83 16.29
C LYS C 144 15.23 -7.09 15.59
N SER C 145 15.32 -7.09 14.26
CA SER C 145 15.58 -8.38 13.58
C SER C 145 14.65 -9.52 13.90
N ILE C 146 13.37 -9.29 13.68
CA ILE C 146 12.37 -10.32 13.87
C ILE C 146 11.80 -10.66 12.49
N PRO C 147 11.48 -11.90 12.27
CA PRO C 147 10.81 -12.26 11.04
C PRO C 147 9.40 -11.72 10.94
N SER C 148 8.90 -11.56 9.71
CA SER C 148 7.49 -11.23 9.50
C SER C 148 6.95 -12.00 8.35
N THR C 149 5.66 -12.24 8.38
CA THR C 149 4.90 -12.71 7.25
C THR C 149 3.54 -12.05 7.24
N VAL C 150 2.77 -12.31 6.20
CA VAL C 150 1.38 -11.84 6.09
C VAL C 150 0.53 -12.99 5.58
N THR C 151 -0.65 -13.17 6.19
CA THR C 151 -1.64 -14.21 5.86
C THR C 151 -2.95 -13.54 5.62
N VAL C 152 -3.92 -14.31 5.17
CA VAL C 152 -5.22 -13.77 4.86
C VAL C 152 -5.80 -13.34 6.30
N GLY C 153 -6.46 -12.22 6.38
CA GLY C 153 -7.04 -11.80 7.65
C GLY C 153 -8.48 -11.67 7.28
N TYR C 154 -9.05 -10.46 7.32
CA TYR C 154 -10.47 -10.27 7.06
C TYR C 154 -10.65 -9.55 5.71
N GLY C 155 -11.13 -10.28 4.71
CA GLY C 155 -11.31 -9.71 3.37
C GLY C 155 -12.47 -8.75 3.33
N ALA C 156 -12.49 -7.87 2.33
CA ALA C 156 -13.51 -6.87 2.16
C ALA C 156 -14.88 -7.50 2.11
N GLU C 157 -14.97 -8.69 1.53
CA GLU C 157 -16.27 -9.40 1.47
C GLU C 157 -16.85 -9.83 2.81
N MET C 158 -16.04 -9.93 3.87
CA MET C 158 -16.64 -10.21 5.21
C MET C 158 -17.49 -9.10 5.83
N PHE C 159 -17.33 -7.86 5.35
CA PHE C 159 -17.91 -6.69 5.99
C PHE C 159 -19.37 -6.52 5.47
N PRO C 160 -20.21 -5.71 6.13
CA PRO C 160 -21.65 -5.61 5.78
C PRO C 160 -21.95 -5.05 4.43
N ASP C 161 -23.05 -5.51 3.84
CA ASP C 161 -23.48 -5.10 2.47
C ASP C 161 -23.52 -3.61 2.09
N GLY C 162 -23.87 -2.73 3.01
CA GLY C 162 -23.84 -1.28 2.66
C GLY C 162 -22.49 -0.57 2.70
N THR C 163 -21.37 -1.30 2.62
CA THR C 163 -20.04 -0.79 3.07
C THR C 163 -18.99 -1.22 2.11
N THR C 164 -18.04 -0.34 1.82
CA THR C 164 -16.85 -0.79 1.06
C THR C 164 -15.68 -0.59 2.04
N HIS C 165 -15.27 -1.71 2.58
CA HIS C 165 -14.18 -1.78 3.55
C HIS C 165 -12.97 -2.33 2.79
N GLU C 166 -11.79 -1.86 3.11
CA GLU C 166 -10.56 -2.48 2.57
C GLU C 166 -10.41 -3.89 3.12
N ASP C 167 -9.61 -4.70 2.43
CA ASP C 167 -9.09 -5.94 3.00
C ASP C 167 -8.26 -5.59 4.22
N GLU C 168 -8.25 -6.48 5.19
CA GLU C 168 -7.51 -6.42 6.44
C GLU C 168 -6.62 -7.68 6.54
N PRO C 169 -5.56 -7.74 5.75
CA PRO C 169 -4.66 -8.87 5.88
C PRO C 169 -3.97 -8.89 7.21
N LEU C 170 -3.65 -10.06 7.71
CA LEU C 170 -2.98 -10.23 9.00
C LEU C 170 -1.48 -10.29 8.91
N PHE C 171 -0.81 -9.30 9.46
CA PHE C 171 0.64 -9.33 9.57
C PHE C 171 1.01 -10.07 10.88
N VAL C 172 1.97 -10.99 10.84
CA VAL C 172 2.44 -11.80 12.03
C VAL C 172 3.90 -11.56 12.15
N ILE C 173 4.30 -10.93 13.25
CA ILE C 173 5.70 -10.54 13.53
C ILE C 173 6.16 -11.41 14.68
N GLY C 174 7.16 -12.22 14.37
CA GLY C 174 7.85 -13.08 15.33
C GLY C 174 8.32 -14.37 14.63
N PRO C 175 8.90 -15.34 15.38
CA PRO C 175 9.03 -15.32 16.88
C PRO C 175 10.06 -14.39 17.31
N PHE C 176 9.87 -13.68 18.42
CA PHE C 176 10.98 -13.04 19.09
C PHE C 176 11.16 -13.59 20.47
N PHE C 177 12.15 -13.06 21.20
CA PHE C 177 11.96 -13.05 22.66
C PHE C 177 11.99 -11.73 23.47
N ASN C 178 10.87 -11.51 24.18
CA ASN C 178 10.50 -10.26 24.83
C ASN C 178 10.64 -10.31 26.37
NA NA D . 4.88 3.22 -14.75
S SO4 E . -1.29 -12.86 -14.81
O1 SO4 E . -0.30 -12.37 -15.81
O2 SO4 E . -1.76 -11.72 -13.98
O3 SO4 E . -2.40 -13.39 -15.63
O4 SO4 E . -0.73 -13.90 -13.89
NA NA F . -13.66 5.84 36.79
NA NA G . -7.21 -10.36 3.51
S SO4 H . 1.70 3.79 33.88
O1 SO4 H . 2.42 5.04 34.15
O2 SO4 H . 2.54 2.57 33.43
O3 SO4 H . 0.86 3.99 32.73
O4 SO4 H . 0.88 3.57 35.08
#